data_3ZWK
#
_entry.id   3ZWK
#
_cell.length_a   39.968
_cell.length_b   71.364
_cell.length_c   92.974
_cell.angle_alpha   90.00
_cell.angle_beta   95.46
_cell.angle_gamma   90.00
#
_symmetry.space_group_name_H-M   'P 1 21 1'
#
loop_
_entity.id
_entity.type
_entity.pdbx_description
1 polymer 'MANNOSYL-3-PHOSPHOGLYCERATE PHOSPHATASE'
2 non-polymer 'MAGNESIUM ION'
3 non-polymer 'VANADATE ION'
4 water water
#
_entity_poly.entity_id   1
_entity_poly.type   'polypeptide(L)'
_entity_poly.pdbx_seq_one_letter_code
;MIVFTDLDGTLLDERGELGPAREALERLRALGVPVVPVTAKTRKEVEALGLEPPFIVENGGGLYLPRDWPVRAGRPKGGY
RVVSLAWPYRKVRARLREAEALAGRPILGYGDLTAEAVARLTGLSREAARRAKAREYDETLVLCPEEVEAVLEALEAVGL
EWTHGGRFYHAAKGADKGRAVARLRALWPDPEEARFAVGLGDSLNDLPLFRAVDLAVYVGRGDPPEGVLATPAPGPEGFR
YAVERYLLPRLSRRGGSGP
;
_entity_poly.pdbx_strand_id   A,B
#
# COMPACT_ATOMS: atom_id res chain seq x y z
N MET A 1 -16.06 8.32 -40.70
CA MET A 1 -15.86 7.19 -39.79
C MET A 1 -14.68 7.48 -38.86
N ILE A 2 -14.94 7.42 -37.57
CA ILE A 2 -13.91 7.44 -36.55
C ILE A 2 -13.94 6.12 -35.80
N VAL A 3 -12.77 5.50 -35.65
CA VAL A 3 -12.67 4.26 -34.90
C VAL A 3 -12.16 4.53 -33.50
N PHE A 4 -13.01 4.31 -32.52
CA PHE A 4 -12.59 4.42 -31.12
C PHE A 4 -12.24 3.03 -30.62
N THR A 5 -11.06 2.89 -30.03
CA THR A 5 -10.63 1.58 -29.58
C THR A 5 -10.03 1.52 -28.18
N ASP A 6 -10.48 0.54 -27.43
CA ASP A 6 -9.83 0.14 -26.20
C ASP A 6 -8.45 -0.41 -26.54
N LEU A 7 -7.49 -0.30 -25.62
CA LEU A 7 -6.14 -0.80 -25.88
C LEU A 7 -5.88 -2.23 -25.38
N ASP A 8 -5.70 -2.41 -24.07
CA ASP A 8 -5.37 -3.72 -23.52
C ASP A 8 -6.47 -4.75 -23.76
N GLY A 9 -6.09 -5.89 -24.33
CA GLY A 9 -7.05 -6.95 -24.64
C GLY A 9 -7.79 -6.74 -25.96
N THR A 10 -7.66 -5.56 -26.55
CA THR A 10 -8.31 -5.28 -27.83
C THR A 10 -7.27 -5.02 -28.92
N LEU A 11 -6.61 -3.86 -28.85
CA LEU A 11 -5.64 -3.47 -29.84
C LEU A 11 -4.28 -4.08 -29.54
N LEU A 12 -4.09 -4.45 -28.28
CA LEU A 12 -2.84 -5.03 -27.81
C LEU A 12 -3.10 -6.45 -27.34
N ASP A 13 -2.10 -7.32 -27.47
CA ASP A 13 -2.24 -8.69 -26.99
C ASP A 13 -1.83 -8.78 -25.53
N GLU A 14 -1.74 -10.00 -25.02
CA GLU A 14 -1.44 -10.22 -23.61
C GLU A 14 -0.01 -9.84 -23.25
N ARG A 15 0.80 -9.53 -24.26
CA ARG A 15 2.18 -9.08 -24.04
C ARG A 15 2.31 -7.56 -24.23
N GLY A 16 1.20 -6.90 -24.60
CA GLY A 16 1.23 -5.49 -24.89
C GLY A 16 1.65 -5.20 -26.32
N GLU A 17 1.61 -6.22 -27.16
CA GLU A 17 2.03 -6.09 -28.55
C GLU A 17 0.82 -5.97 -29.48
N LEU A 18 1.08 -5.72 -30.76
CA LEU A 18 0.00 -5.49 -31.71
C LEU A 18 -0.46 -6.77 -32.42
N GLY A 19 0.47 -7.68 -32.66
CA GLY A 19 0.16 -8.91 -33.35
C GLY A 19 -0.49 -8.66 -34.70
N PRO A 20 -1.64 -9.31 -34.95
CA PRO A 20 -2.34 -9.15 -36.23
C PRO A 20 -3.06 -7.80 -36.35
N ALA A 21 -3.05 -7.00 -35.29
CA ALA A 21 -3.72 -5.70 -35.35
C ALA A 21 -2.85 -4.65 -36.04
N ARG A 22 -1.57 -4.98 -36.21
CA ARG A 22 -0.61 -4.07 -36.82
C ARG A 22 -0.99 -3.77 -38.27
N GLU A 23 -1.15 -4.81 -39.08
CA GLU A 23 -1.56 -4.64 -40.46
C GLU A 23 -2.91 -3.92 -40.57
N ALA A 24 -3.81 -4.20 -39.63
CA ALA A 24 -5.14 -3.58 -39.63
C ALA A 24 -5.07 -2.08 -39.38
N LEU A 25 -4.23 -1.68 -38.43
CA LEU A 25 -4.05 -0.27 -38.16
C LEU A 25 -3.44 0.45 -39.36
N GLU A 26 -2.46 -0.18 -40.01
CA GLU A 26 -1.82 0.42 -41.17
C GLU A 26 -2.85 0.65 -42.25
N ARG A 27 -3.68 -0.37 -42.47
CA ARG A 27 -4.74 -0.29 -43.46
C ARG A 27 -5.68 0.89 -43.21
N LEU A 28 -6.21 1.01 -41.99
CA LEU A 28 -7.04 2.16 -41.65
C LEU A 28 -6.29 3.47 -41.89
N ARG A 29 -5.05 3.54 -41.42
CA ARG A 29 -4.23 4.73 -41.58
C ARG A 29 -4.13 5.11 -43.06
N ALA A 30 -3.88 4.11 -43.89
CA ALA A 30 -3.74 4.32 -45.34
C ALA A 30 -5.01 4.88 -45.96
N LEU A 31 -6.17 4.46 -45.45
CA LEU A 31 -7.45 4.96 -45.97
C LEU A 31 -7.85 6.27 -45.29
N GLY A 32 -6.93 6.82 -44.48
CA GLY A 32 -7.22 8.05 -43.76
C GLY A 32 -8.33 7.93 -42.72
N VAL A 33 -8.48 6.74 -42.12
CA VAL A 33 -9.47 6.57 -41.07
C VAL A 33 -8.83 6.84 -39.72
N PRO A 34 -9.34 7.85 -38.99
CA PRO A 34 -8.72 8.16 -37.70
C PRO A 34 -9.04 7.10 -36.65
N VAL A 35 -8.04 6.78 -35.84
CA VAL A 35 -8.19 5.78 -34.77
C VAL A 35 -7.86 6.46 -33.46
N VAL A 36 -8.78 6.36 -32.49
CA VAL A 36 -8.68 7.08 -31.24
C VAL A 36 -8.63 6.12 -30.06
N PRO A 37 -7.47 6.04 -29.39
CA PRO A 37 -7.37 5.18 -28.22
C PRO A 37 -8.28 5.69 -27.12
N VAL A 38 -8.99 4.78 -26.48
CA VAL A 38 -9.81 5.09 -25.33
C VAL A 38 -9.43 4.08 -24.28
N THR A 39 -8.76 4.53 -23.23
CA THR A 39 -8.05 3.60 -22.37
C THR A 39 -8.21 3.95 -20.90
N ALA A 40 -7.97 2.97 -20.03
CA ALA A 40 -7.90 3.23 -18.60
C ALA A 40 -6.49 3.72 -18.21
N LYS A 41 -5.55 3.66 -19.15
CA LYS A 41 -4.16 4.06 -18.88
C LYS A 41 -3.99 5.56 -18.69
N THR A 42 -2.88 5.93 -18.07
CA THR A 42 -2.54 7.33 -17.90
C THR A 42 -1.92 7.89 -19.19
N ARG A 43 -1.89 9.22 -19.29
CA ARG A 43 -1.20 9.86 -20.42
C ARG A 43 0.27 9.39 -20.53
N LYS A 44 0.95 9.23 -19.40
CA LYS A 44 2.35 8.77 -19.42
C LYS A 44 2.48 7.36 -20.01
N GLU A 45 1.53 6.48 -19.71
CA GLU A 45 1.55 5.13 -20.25
C GLU A 45 1.27 5.16 -21.75
N VAL A 46 0.32 5.99 -22.16
CA VAL A 46 -0.01 6.12 -23.57
C VAL A 46 1.20 6.65 -24.35
N GLU A 47 1.88 7.63 -23.79
CA GLU A 47 3.08 8.14 -24.46
C GLU A 47 4.16 7.08 -24.60
N ALA A 48 4.27 6.18 -23.62
CA ALA A 48 5.31 5.16 -23.67
C ALA A 48 5.02 4.12 -24.77
N LEU A 49 3.74 3.96 -25.12
CA LEU A 49 3.33 3.16 -26.28
C LEU A 49 3.55 3.91 -27.59
N GLY A 50 3.98 5.15 -27.48
CA GLY A 50 4.26 5.96 -28.66
C GLY A 50 3.01 6.42 -29.40
N LEU A 51 1.85 6.44 -28.74
CA LEU A 51 0.62 6.87 -29.41
C LEU A 51 0.49 8.39 -29.44
N GLU A 52 -0.01 8.91 -30.55
CA GLU A 52 -0.18 10.35 -30.70
C GLU A 52 -1.61 10.76 -30.41
N PRO A 53 -1.83 12.00 -29.98
CA PRO A 53 -3.18 12.49 -29.77
C PRO A 53 -3.92 12.62 -31.12
N PRO A 54 -5.25 12.61 -31.13
CA PRO A 54 -6.12 12.60 -29.94
C PRO A 54 -6.23 11.22 -29.27
N PHE A 55 -6.30 11.21 -27.94
CA PHE A 55 -6.59 9.98 -27.23
C PHE A 55 -7.29 10.32 -25.94
N ILE A 56 -7.95 9.34 -25.37
CA ILE A 56 -8.73 9.51 -24.15
C ILE A 56 -8.13 8.63 -23.06
N VAL A 57 -7.79 9.24 -21.92
CA VAL A 57 -7.10 8.51 -20.85
C VAL A 57 -7.96 8.31 -19.59
N GLU A 58 -7.47 7.44 -18.72
CA GLU A 58 -8.09 7.20 -17.44
C GLU A 58 -9.62 7.09 -17.49
N ASN A 59 -10.09 6.20 -18.35
CA ASN A 59 -11.50 5.84 -18.41
C ASN A 59 -12.42 6.99 -18.74
N GLY A 60 -11.90 7.97 -19.49
CA GLY A 60 -12.69 9.12 -19.90
C GLY A 60 -12.43 10.32 -19.02
N GLY A 61 -11.47 10.20 -18.12
CA GLY A 61 -11.17 11.32 -17.24
C GLY A 61 -10.63 12.52 -18.00
N GLY A 62 -9.82 12.24 -19.03
CA GLY A 62 -9.19 13.32 -19.78
C GLY A 62 -9.13 13.07 -21.29
N LEU A 63 -9.33 14.13 -22.06
CA LEU A 63 -9.26 14.02 -23.51
C LEU A 63 -8.06 14.85 -23.95
N TYR A 64 -7.10 14.19 -24.57
CA TYR A 64 -5.89 14.85 -25.02
C TYR A 64 -5.97 15.12 -26.52
N LEU A 65 -5.83 16.39 -26.89
CA LEU A 65 -5.80 16.83 -28.29
C LEU A 65 -4.41 17.29 -28.69
N PRO A 66 -4.07 17.19 -29.98
CA PRO A 66 -2.84 17.82 -30.47
C PRO A 66 -2.92 19.30 -30.17
N ARG A 67 -1.80 19.96 -29.84
CA ARG A 67 -1.81 21.40 -29.63
C ARG A 67 -2.45 22.19 -30.80
N ASP A 68 -2.24 21.75 -32.03
CA ASP A 68 -2.78 22.47 -33.19
C ASP A 68 -4.14 21.99 -33.72
N TRP A 69 -4.92 21.29 -32.88
CA TRP A 69 -6.26 20.83 -33.26
C TRP A 69 -7.04 21.99 -33.85
N PRO A 70 -7.70 21.76 -34.99
CA PRO A 70 -8.42 22.87 -35.66
C PRO A 70 -9.62 23.41 -34.89
N VAL A 71 -10.10 22.71 -33.88
CA VAL A 71 -11.18 23.20 -33.05
C VAL A 71 -10.58 23.58 -31.70
N ARG A 72 -10.75 24.83 -31.30
CA ARG A 72 -10.12 25.32 -30.09
C ARG A 72 -10.89 24.81 -28.87
N ALA A 73 -10.21 24.05 -28.03
CA ALA A 73 -10.83 23.51 -26.82
C ALA A 73 -9.74 23.06 -25.87
N GLY A 74 -10.07 22.99 -24.59
CA GLY A 74 -9.14 22.47 -23.61
C GLY A 74 -8.06 23.48 -23.22
N ARG A 75 -7.15 23.04 -22.37
CA ARG A 75 -6.11 23.92 -21.88
C ARG A 75 -4.77 23.52 -22.51
N PRO A 76 -3.99 24.51 -22.97
CA PRO A 76 -2.71 24.20 -23.61
C PRO A 76 -1.73 23.59 -22.61
N LYS A 77 -1.05 22.52 -23.02
CA LYS A 77 -0.03 21.90 -22.20
C LYS A 77 0.99 21.30 -23.16
N GLY A 78 2.10 22.00 -23.37
CA GLY A 78 3.12 21.52 -24.29
C GLY A 78 2.51 21.27 -25.65
N GLY A 79 2.72 20.07 -26.17
CA GLY A 79 2.23 19.72 -27.48
C GLY A 79 0.78 19.25 -27.49
N TYR A 80 0.07 19.46 -26.38
CA TYR A 80 -1.34 19.05 -26.29
C TYR A 80 -2.25 20.23 -25.98
N ARG A 81 -3.54 20.02 -26.17
CA ARG A 81 -4.55 20.75 -25.43
C ARG A 81 -5.28 19.68 -24.61
N VAL A 82 -5.52 19.95 -23.34
CA VAL A 82 -6.17 18.96 -22.48
C VAL A 82 -7.58 19.39 -22.12
N VAL A 83 -8.55 18.55 -22.45
CA VAL A 83 -9.90 18.74 -21.99
C VAL A 83 -10.10 17.86 -20.77
N SER A 84 -10.18 18.48 -19.61
CA SER A 84 -10.39 17.73 -18.36
C SER A 84 -11.88 17.53 -18.11
N LEU A 85 -12.31 16.27 -18.10
CA LEU A 85 -13.72 15.96 -17.93
C LEU A 85 -14.02 15.55 -16.48
N ALA A 86 -13.01 15.06 -15.77
CA ALA A 86 -13.20 14.54 -14.43
C ALA A 86 -12.52 15.43 -13.39
N TRP A 87 -12.84 15.22 -12.10
CA TRP A 87 -12.11 15.91 -11.05
C TRP A 87 -10.67 15.47 -11.09
N PRO A 88 -9.76 16.35 -10.67
CA PRO A 88 -8.35 15.99 -10.65
C PRO A 88 -8.04 14.98 -9.57
N TYR A 89 -7.01 14.18 -9.81
CA TYR A 89 -6.53 13.13 -8.91
C TYR A 89 -6.40 13.61 -7.48
N ARG A 90 -5.82 14.80 -7.33
CA ARG A 90 -5.63 15.40 -6.00
C ARG A 90 -6.94 15.51 -5.21
N LYS A 91 -8.02 15.84 -5.91
CA LYS A 91 -9.32 15.96 -5.28
C LYS A 91 -9.90 14.60 -4.95
N VAL A 92 -9.77 13.67 -5.88
CA VAL A 92 -10.19 12.29 -5.61
C VAL A 92 -9.49 11.79 -4.35
N ARG A 93 -8.19 12.05 -4.24
CA ARG A 93 -7.41 11.58 -3.11
C ARG A 93 -7.93 12.19 -1.81
N ALA A 94 -8.28 13.47 -1.85
CA ALA A 94 -8.79 14.17 -0.68
C ALA A 94 -10.11 13.56 -0.26
N ARG A 95 -10.98 13.30 -1.24
CA ARG A 95 -12.26 12.67 -0.97
C ARG A 95 -12.07 11.26 -0.41
N LEU A 96 -11.06 10.55 -0.90
CA LEU A 96 -10.75 9.22 -0.39
C LEU A 96 -10.41 9.22 1.11
N ARG A 97 -9.66 10.23 1.54
CA ARG A 97 -9.35 10.40 2.97
C ARG A 97 -10.63 10.65 3.79
N GLU A 98 -11.56 11.45 3.27
CA GLU A 98 -12.87 11.61 3.90
C GLU A 98 -13.61 10.28 3.97
N ALA A 99 -13.56 9.51 2.89
CA ALA A 99 -14.27 8.24 2.86
C ALA A 99 -13.70 7.26 3.89
N GLU A 100 -12.39 7.30 4.07
CA GLU A 100 -11.69 6.41 4.96
C GLU A 100 -12.13 6.67 6.40
N ALA A 101 -12.28 7.95 6.72
CA ALA A 101 -12.78 8.37 8.02
C ALA A 101 -14.18 7.81 8.23
N LEU A 102 -15.04 7.99 7.23
CA LEU A 102 -16.41 7.50 7.32
C LEU A 102 -16.48 6.00 7.48
N ALA A 103 -15.61 5.28 6.78
CA ALA A 103 -15.67 3.83 6.81
C ALA A 103 -14.98 3.25 8.06
N GLY A 104 -14.28 4.11 8.80
CA GLY A 104 -13.48 3.68 9.94
C GLY A 104 -12.53 2.54 9.56
N ARG A 105 -11.86 2.68 8.42
CA ARG A 105 -11.16 1.57 7.83
C ARG A 105 -10.24 2.15 6.74
N PRO A 106 -9.02 1.61 6.60
CA PRO A 106 -8.09 2.18 5.62
C PRO A 106 -8.59 1.93 4.20
N ILE A 107 -8.42 2.93 3.34
CA ILE A 107 -8.71 2.76 1.92
C ILE A 107 -7.43 3.08 1.18
N LEU A 108 -6.79 2.04 0.65
CA LEU A 108 -5.49 2.20 0.07
C LEU A 108 -5.61 2.18 -1.45
N GLY A 109 -4.83 3.02 -2.11
CA GLY A 109 -4.84 3.09 -3.56
C GLY A 109 -3.41 3.29 -4.07
N TYR A 110 -3.25 3.39 -5.39
CA TYR A 110 -1.91 3.58 -5.96
C TYR A 110 -1.15 4.74 -5.33
N GLY A 111 -1.84 5.82 -4.99
CA GLY A 111 -1.15 6.98 -4.45
C GLY A 111 -0.51 6.74 -3.09
N ASP A 112 -0.98 5.70 -2.39
CA ASP A 112 -0.42 5.26 -1.12
C ASP A 112 0.79 4.31 -1.25
N LEU A 113 0.99 3.75 -2.45
CA LEU A 113 1.95 2.68 -2.66
C LEU A 113 3.20 3.15 -3.40
N THR A 114 4.33 2.50 -3.15
CA THR A 114 5.54 2.76 -3.92
C THR A 114 5.38 2.21 -5.33
N ALA A 115 6.18 2.71 -6.26
CA ALA A 115 6.20 2.14 -7.62
C ALA A 115 6.56 0.65 -7.53
N GLU A 116 7.47 0.29 -6.63
CA GLU A 116 7.84 -1.12 -6.48
C GLU A 116 6.65 -2.00 -6.09
N ALA A 117 5.81 -1.52 -5.17
CA ALA A 117 4.64 -2.32 -4.78
C ALA A 117 3.62 -2.41 -5.93
N VAL A 118 3.41 -1.29 -6.61
CA VAL A 118 2.46 -1.29 -7.73
C VAL A 118 2.95 -2.29 -8.77
N ALA A 119 4.26 -2.26 -9.02
CA ALA A 119 4.89 -3.18 -10.00
C ALA A 119 4.63 -4.63 -9.60
N ARG A 120 4.93 -4.94 -8.34
CA ARG A 120 4.73 -6.28 -7.84
C ARG A 120 3.26 -6.73 -7.98
N LEU A 121 2.32 -5.83 -7.65
CA LEU A 121 0.91 -6.20 -7.67
C LEU A 121 0.34 -6.38 -9.08
N THR A 122 0.93 -5.72 -10.05
CA THR A 122 0.38 -5.72 -11.40
C THR A 122 1.20 -6.57 -12.38
N GLY A 123 2.36 -7.07 -11.94
CA GLY A 123 3.26 -7.76 -12.85
C GLY A 123 4.02 -6.82 -13.79
N LEU A 124 4.02 -5.52 -13.50
CA LEU A 124 4.70 -4.56 -14.38
C LEU A 124 6.15 -4.37 -13.94
N SER A 125 6.97 -3.79 -14.82
CA SER A 125 8.30 -3.34 -14.43
C SER A 125 8.15 -2.11 -13.56
N ARG A 126 9.18 -1.77 -12.80
CA ARG A 126 9.12 -0.60 -11.94
C ARG A 126 8.88 0.68 -12.76
N GLU A 127 9.49 0.75 -13.94
CA GLU A 127 9.33 1.93 -14.77
C GLU A 127 7.89 2.09 -15.26
N ALA A 128 7.28 0.99 -15.70
CA ALA A 128 5.91 1.05 -16.13
C ALA A 128 4.96 1.34 -14.95
N ALA A 129 5.35 0.87 -13.76
CA ALA A 129 4.56 1.13 -12.55
C ALA A 129 4.56 2.62 -12.26
N ARG A 130 5.71 3.26 -12.44
CA ARG A 130 5.84 4.70 -12.26
C ARG A 130 4.90 5.47 -13.20
N ARG A 131 4.77 4.99 -14.43
CA ARG A 131 3.87 5.63 -15.37
C ARG A 131 2.41 5.36 -15.00
N ALA A 132 2.12 4.14 -14.53
CA ALA A 132 0.79 3.80 -14.01
C ALA A 132 0.45 4.64 -12.77
N LYS A 133 1.45 5.08 -12.03
CA LYS A 133 1.20 5.91 -10.84
C LYS A 133 1.02 7.41 -11.15
N ALA A 134 1.35 7.84 -12.37
CA ALA A 134 1.25 9.26 -12.71
C ALA A 134 -0.18 9.58 -13.13
N ARG A 135 -1.10 9.48 -12.18
CA ARG A 135 -2.52 9.56 -12.50
C ARG A 135 -3.00 11.01 -12.42
N GLU A 136 -3.90 11.40 -13.30
CA GLU A 136 -4.39 12.78 -13.32
C GLU A 136 -5.84 12.87 -12.90
N TYR A 137 -6.58 11.77 -13.03
CA TYR A 137 -8.03 11.80 -12.74
C TYR A 137 -8.52 10.69 -11.80
N ASP A 138 -8.22 9.44 -12.13
CA ASP A 138 -8.80 8.36 -11.35
C ASP A 138 -7.77 7.64 -10.49
N GLU A 139 -8.23 7.02 -9.42
CA GLU A 139 -7.35 6.30 -8.52
C GLU A 139 -7.68 4.83 -8.63
N THR A 140 -6.66 3.99 -8.64
CA THR A 140 -6.86 2.56 -8.55
C THR A 140 -6.75 2.15 -7.10
N LEU A 141 -7.74 1.40 -6.61
CA LEU A 141 -7.82 1.02 -5.19
C LEU A 141 -7.44 -0.45 -4.97
N VAL A 142 -6.84 -0.73 -3.83
CA VAL A 142 -6.57 -2.11 -3.42
C VAL A 142 -7.38 -2.42 -2.18
N LEU A 143 -8.56 -2.97 -2.39
CA LEU A 143 -9.56 -3.10 -1.33
C LEU A 143 -9.59 -4.50 -0.71
N CYS A 144 -9.86 -4.58 0.59
CA CYS A 144 -10.12 -5.86 1.24
C CYS A 144 -11.49 -6.39 0.79
N PRO A 145 -11.54 -7.64 0.30
CA PRO A 145 -12.75 -8.23 -0.28
C PRO A 145 -13.99 -8.14 0.62
N GLU A 146 -13.85 -8.45 1.90
CA GLU A 146 -15.00 -8.42 2.79
C GLU A 146 -15.34 -7.00 3.22
N GLU A 147 -14.51 -6.05 2.82
CA GLU A 147 -14.76 -4.66 3.18
C GLU A 147 -15.26 -3.83 2.00
N VAL A 148 -15.39 -4.44 0.84
CA VAL A 148 -15.81 -3.70 -0.35
C VAL A 148 -17.11 -2.92 -0.11
N GLU A 149 -18.16 -3.63 0.26
CA GLU A 149 -19.50 -3.04 0.42
C GLU A 149 -19.47 -1.72 1.19
N ALA A 150 -18.90 -1.77 2.38
CA ALA A 150 -18.80 -0.59 3.24
C ALA A 150 -17.92 0.50 2.61
N VAL A 151 -16.86 0.10 1.94
CA VAL A 151 -15.96 1.08 1.33
C VAL A 151 -16.69 1.79 0.20
N LEU A 152 -17.27 1.01 -0.70
CA LEU A 152 -18.01 1.59 -1.82
C LEU A 152 -19.12 2.53 -1.37
N GLU A 153 -19.84 2.17 -0.31
CA GLU A 153 -20.87 3.04 0.22
C GLU A 153 -20.27 4.37 0.69
N ALA A 154 -19.12 4.29 1.35
CA ALA A 154 -18.43 5.51 1.80
C ALA A 154 -17.96 6.37 0.62
N LEU A 155 -17.42 5.74 -0.42
CA LEU A 155 -17.00 6.47 -1.62
C LEU A 155 -18.16 7.30 -2.16
N GLU A 156 -19.31 6.66 -2.31
CA GLU A 156 -20.49 7.35 -2.82
C GLU A 156 -20.96 8.46 -1.89
N ALA A 157 -20.83 8.23 -0.59
CA ALA A 157 -21.26 9.22 0.41
C ALA A 157 -20.44 10.51 0.33
N VAL A 158 -19.21 10.41 -0.15
CA VAL A 158 -18.39 11.60 -0.30
C VAL A 158 -18.36 12.08 -1.76
N GLY A 159 -19.33 11.63 -2.54
CA GLY A 159 -19.51 12.14 -3.88
C GLY A 159 -18.62 11.52 -4.96
N LEU A 160 -17.93 10.43 -4.63
CA LEU A 160 -17.10 9.77 -5.64
C LEU A 160 -17.89 8.71 -6.39
N GLU A 161 -17.41 8.35 -7.58
CA GLU A 161 -17.99 7.26 -8.35
C GLU A 161 -16.98 6.12 -8.39
N TRP A 162 -17.44 4.91 -8.66
CA TRP A 162 -16.52 3.79 -8.68
C TRP A 162 -16.88 2.83 -9.79
N THR A 163 -15.89 2.03 -10.21
CA THR A 163 -16.11 0.93 -11.14
C THR A 163 -15.14 -0.18 -10.75
N HIS A 164 -15.35 -1.39 -11.29
CA HIS A 164 -14.43 -2.49 -11.06
C HIS A 164 -13.83 -2.88 -12.39
N GLY A 165 -12.51 -2.77 -12.50
CA GLY A 165 -11.87 -2.88 -13.80
C GLY A 165 -11.42 -4.27 -14.18
N GLY A 166 -11.89 -5.27 -13.44
CA GLY A 166 -11.46 -6.64 -13.66
C GLY A 166 -10.59 -7.19 -12.55
N ARG A 167 -9.68 -6.37 -12.04
CA ARG A 167 -8.79 -6.77 -10.96
CA ARG A 167 -8.80 -6.78 -10.96
C ARG A 167 -9.03 -5.91 -9.72
N PHE A 168 -8.95 -4.60 -9.89
CA PHE A 168 -9.10 -3.66 -8.79
C PHE A 168 -10.34 -2.79 -8.97
N TYR A 169 -10.75 -2.13 -7.89
CA TYR A 169 -11.76 -1.08 -7.97
C TYR A 169 -11.09 0.24 -8.31
N HIS A 170 -11.85 1.12 -8.95
CA HIS A 170 -11.35 2.43 -9.31
C HIS A 170 -12.33 3.51 -8.85
N ALA A 171 -11.76 4.63 -8.43
CA ALA A 171 -12.54 5.75 -7.95
C ALA A 171 -12.24 6.98 -8.79
N ALA A 172 -13.27 7.76 -9.11
CA ALA A 172 -13.10 9.01 -9.84
C ALA A 172 -14.39 9.78 -9.70
N LYS A 173 -14.45 10.99 -10.27
CA LYS A 173 -15.72 11.71 -10.41
C LYS A 173 -15.77 12.37 -11.79
N GLY A 174 -16.67 11.91 -12.65
CA GLY A 174 -16.82 12.47 -13.98
C GLY A 174 -16.06 11.75 -15.07
N ALA A 175 -15.42 10.62 -14.73
CA ALA A 175 -14.67 9.88 -15.73
C ALA A 175 -15.56 8.83 -16.35
N ASP A 176 -15.91 9.04 -17.62
CA ASP A 176 -16.83 8.15 -18.30
C ASP A 176 -16.43 8.08 -19.76
N LYS A 177 -16.09 6.87 -20.21
CA LYS A 177 -15.64 6.71 -21.59
C LYS A 177 -16.65 7.22 -22.62
N GLY A 178 -17.95 6.97 -22.39
CA GLY A 178 -18.98 7.38 -23.33
C GLY A 178 -19.05 8.90 -23.43
N ARG A 179 -19.01 9.58 -22.30
CA ARG A 179 -19.02 11.04 -22.33
C ARG A 179 -17.81 11.66 -23.05
N ALA A 180 -16.62 11.08 -22.83
CA ALA A 180 -15.41 11.55 -23.49
C ALA A 180 -15.50 11.35 -25.00
N VAL A 181 -16.09 10.23 -25.40
CA VAL A 181 -16.28 9.96 -26.81
C VAL A 181 -17.24 10.98 -27.45
N ALA A 182 -18.36 11.24 -26.77
CA ALA A 182 -19.35 12.19 -27.27
C ALA A 182 -18.70 13.57 -27.36
N ARG A 183 -17.87 13.90 -26.38
CA ARG A 183 -17.19 15.19 -26.40
C ARG A 183 -16.22 15.33 -27.59
N LEU A 184 -15.36 14.33 -27.78
CA LEU A 184 -14.42 14.34 -28.90
C LEU A 184 -15.17 14.43 -30.23
N ARG A 185 -16.24 13.67 -30.37
CA ARG A 185 -17.04 13.76 -31.59
C ARG A 185 -17.58 15.17 -31.80
N ALA A 186 -18.01 15.81 -30.71
CA ALA A 186 -18.49 17.19 -30.77
C ALA A 186 -17.35 18.15 -31.13
N LEU A 187 -16.11 17.78 -30.82
CA LEU A 187 -14.97 18.67 -31.09
C LEU A 187 -14.26 18.28 -32.39
N TRP A 188 -14.88 17.42 -33.19
CA TRP A 188 -14.22 16.93 -34.40
C TRP A 188 -14.21 18.03 -35.45
N PRO A 189 -13.09 18.18 -36.17
CA PRO A 189 -12.98 19.27 -37.15
C PRO A 189 -13.99 19.09 -38.28
N ASP A 190 -14.13 17.86 -38.78
CA ASP A 190 -15.08 17.58 -39.85
C ASP A 190 -16.33 16.86 -39.32
N PRO A 191 -17.44 17.62 -39.14
CA PRO A 191 -18.66 17.05 -38.57
C PRO A 191 -19.15 15.80 -39.33
N GLU A 192 -18.96 15.79 -40.64
CA GLU A 192 -19.38 14.64 -41.45
C GLU A 192 -18.64 13.36 -41.08
N GLU A 193 -17.33 13.45 -40.88
CA GLU A 193 -16.53 12.30 -40.49
C GLU A 193 -16.96 11.77 -39.11
N ALA A 194 -17.38 12.69 -38.24
CA ALA A 194 -17.72 12.34 -36.87
C ALA A 194 -19.12 11.74 -36.71
N ARG A 195 -19.92 11.76 -37.77
CA ARG A 195 -21.29 11.26 -37.70
C ARG A 195 -21.38 9.74 -37.63
N PHE A 196 -20.32 9.05 -38.03
CA PHE A 196 -20.29 7.61 -37.88
C PHE A 196 -19.10 7.18 -37.03
N ALA A 197 -19.38 6.58 -35.88
CA ALA A 197 -18.34 6.21 -34.95
C ALA A 197 -18.35 4.71 -34.67
N VAL A 198 -17.17 4.11 -34.65
CA VAL A 198 -17.02 2.71 -34.30
C VAL A 198 -16.38 2.63 -32.92
N GLY A 199 -16.82 1.69 -32.09
CA GLY A 199 -16.18 1.45 -30.80
C GLY A 199 -15.82 -0.03 -30.64
N LEU A 200 -14.57 -0.32 -30.37
CA LEU A 200 -14.17 -1.69 -30.12
C LEU A 200 -13.62 -1.82 -28.70
N GLY A 201 -14.04 -2.86 -27.99
CA GLY A 201 -13.55 -3.12 -26.64
C GLY A 201 -13.59 -4.60 -26.37
N ASP A 202 -12.95 -5.02 -25.28
CA ASP A 202 -12.84 -6.44 -24.97
C ASP A 202 -13.46 -6.78 -23.62
N SER A 203 -14.19 -5.84 -23.03
CA SER A 203 -14.71 -6.07 -21.69
C SER A 203 -16.08 -5.45 -21.45
N LEU A 204 -16.77 -5.96 -20.45
CA LEU A 204 -18.13 -5.52 -20.17
C LEU A 204 -18.13 -4.08 -19.69
N ASN A 205 -17.01 -3.64 -19.11
CA ASN A 205 -16.89 -2.24 -18.72
C ASN A 205 -16.57 -1.31 -19.90
N ASP A 206 -16.69 -1.82 -21.12
CA ASP A 206 -16.58 -0.95 -22.27
C ASP A 206 -17.98 -0.53 -22.71
N LEU A 207 -18.98 -1.00 -21.99
CA LEU A 207 -20.37 -0.66 -22.31
C LEU A 207 -20.62 0.85 -22.51
N PRO A 208 -20.06 1.69 -21.63
CA PRO A 208 -20.24 3.12 -21.88
C PRO A 208 -19.65 3.55 -23.22
N LEU A 209 -18.54 2.94 -23.62
CA LEU A 209 -17.99 3.21 -24.95
C LEU A 209 -18.96 2.69 -26.04
N PHE A 210 -19.46 1.46 -25.88
CA PHE A 210 -20.39 0.87 -26.85
C PHE A 210 -21.67 1.69 -27.06
N ARG A 211 -22.19 2.28 -25.99
CA ARG A 211 -23.38 3.12 -26.09
C ARG A 211 -23.18 4.43 -26.84
N ALA A 212 -22.00 5.02 -26.73
CA ALA A 212 -21.72 6.32 -27.35
C ALA A 212 -21.35 6.24 -28.84
N VAL A 213 -21.19 5.05 -29.39
CA VAL A 213 -20.82 4.94 -30.81
C VAL A 213 -21.97 4.36 -31.58
N ASP A 214 -21.85 4.34 -32.91
CA ASP A 214 -22.91 3.83 -33.77
C ASP A 214 -22.72 2.36 -34.06
N LEU A 215 -21.48 1.94 -34.30
CA LEU A 215 -21.21 0.53 -34.50
C LEU A 215 -20.31 0.01 -33.40
N ALA A 216 -20.87 -0.87 -32.57
CA ALA A 216 -20.18 -1.39 -31.39
C ALA A 216 -19.68 -2.83 -31.60
N VAL A 217 -18.40 -3.07 -31.37
CA VAL A 217 -17.82 -4.40 -31.59
C VAL A 217 -17.04 -4.91 -30.37
N TYR A 218 -17.42 -6.09 -29.90
CA TYR A 218 -16.82 -6.68 -28.72
C TYR A 218 -15.88 -7.79 -29.14
N VAL A 219 -14.62 -7.71 -28.70
CA VAL A 219 -13.61 -8.70 -29.05
C VAL A 219 -13.10 -9.43 -27.81
N GLY A 220 -13.91 -9.42 -26.75
CA GLY A 220 -13.52 -10.06 -25.50
C GLY A 220 -13.91 -11.53 -25.51
N ARG A 221 -13.74 -12.19 -24.38
CA ARG A 221 -14.08 -13.61 -24.33
C ARG A 221 -15.50 -13.80 -23.84
N GLY A 222 -16.16 -14.86 -24.34
CA GLY A 222 -17.55 -15.06 -24.01
C GLY A 222 -18.43 -14.13 -24.81
N ASP A 223 -19.67 -13.96 -24.35
CA ASP A 223 -20.70 -13.26 -25.10
C ASP A 223 -20.63 -11.73 -24.95
N PRO A 224 -20.98 -11.01 -26.01
CA PRO A 224 -21.00 -9.55 -25.98
C PRO A 224 -22.26 -9.07 -25.28
N PRO A 225 -22.25 -7.81 -24.79
CA PRO A 225 -23.46 -7.21 -24.25
C PRO A 225 -24.52 -7.17 -25.33
N GLU A 226 -25.79 -7.11 -24.94
CA GLU A 226 -26.86 -7.09 -25.91
C GLU A 226 -26.73 -5.84 -26.77
N GLY A 227 -26.90 -6.01 -28.08
CA GLY A 227 -26.79 -4.89 -29.00
C GLY A 227 -25.40 -4.75 -29.62
N VAL A 228 -24.46 -5.57 -29.15
CA VAL A 228 -23.06 -5.43 -29.55
C VAL A 228 -22.59 -6.59 -30.43
N LEU A 229 -21.93 -6.26 -31.54
CA LEU A 229 -21.42 -7.27 -32.46
C LEU A 229 -20.26 -8.03 -31.86
N ALA A 230 -20.13 -9.30 -32.24
CA ALA A 230 -19.02 -10.11 -31.75
C ALA A 230 -18.15 -10.57 -32.92
N THR A 231 -16.95 -11.04 -32.61
CA THR A 231 -16.04 -11.59 -33.60
C THR A 231 -15.71 -13.05 -33.22
N PRO A 232 -15.32 -13.87 -34.22
CA PRO A 232 -15.01 -15.28 -33.99
C PRO A 232 -13.93 -15.48 -32.93
N ALA A 233 -12.85 -14.70 -33.01
CA ALA A 233 -11.75 -14.81 -32.06
C ALA A 233 -11.50 -13.50 -31.32
N PRO A 234 -10.88 -13.56 -30.14
CA PRO A 234 -10.66 -12.43 -29.23
C PRO A 234 -9.45 -11.56 -29.57
N GLY A 235 -9.29 -10.49 -28.80
CA GLY A 235 -8.13 -9.62 -28.90
C GLY A 235 -7.87 -9.06 -30.29
N PRO A 236 -6.60 -8.73 -30.57
CA PRO A 236 -6.11 -8.20 -31.85
C PRO A 236 -6.60 -8.97 -33.08
N GLU A 237 -6.79 -10.28 -32.96
CA GLU A 237 -7.29 -11.02 -34.10
C GLU A 237 -8.73 -10.63 -34.39
N GLY A 238 -9.51 -10.40 -33.33
CA GLY A 238 -10.86 -9.89 -33.45
C GLY A 238 -10.87 -8.49 -34.03
N PHE A 239 -9.96 -7.65 -33.55
CA PHE A 239 -9.78 -6.33 -34.13
C PHE A 239 -9.55 -6.43 -35.64
N ARG A 240 -8.70 -7.37 -36.05
CA ARG A 240 -8.37 -7.55 -37.45
C ARG A 240 -9.60 -7.95 -38.27
N TYR A 241 -10.31 -8.94 -37.76
CA TYR A 241 -11.55 -9.41 -38.38
C TYR A 241 -12.56 -8.26 -38.51
N ALA A 242 -12.66 -7.45 -37.45
CA ALA A 242 -13.61 -6.34 -37.41
C ALA A 242 -13.34 -5.32 -38.50
N VAL A 243 -12.08 -4.95 -38.67
CA VAL A 243 -11.71 -3.98 -39.70
C VAL A 243 -12.05 -4.53 -41.08
N GLU A 244 -11.66 -5.78 -41.31
CA GLU A 244 -11.83 -6.38 -42.64
C GLU A 244 -13.29 -6.54 -43.02
N ARG A 245 -14.10 -7.01 -42.07
CA ARG A 245 -15.48 -7.36 -42.39
C ARG A 245 -16.45 -6.19 -42.25
N TYR A 246 -16.24 -5.35 -41.23
CA TYR A 246 -17.19 -4.27 -40.94
C TYR A 246 -16.79 -2.90 -41.50
N LEU A 247 -15.50 -2.57 -41.43
CA LEU A 247 -15.03 -1.25 -41.81
C LEU A 247 -14.62 -1.15 -43.28
N LEU A 248 -13.66 -1.98 -43.68
CA LEU A 248 -13.13 -1.94 -45.04
C LEU A 248 -14.21 -1.90 -46.12
N PRO A 249 -15.21 -2.79 -46.03
CA PRO A 249 -16.21 -2.81 -47.11
C PRO A 249 -17.02 -1.53 -47.10
N ARG A 250 -17.15 -0.90 -45.94
CA ARG A 250 -17.97 0.28 -45.78
C ARG A 250 -17.31 1.49 -46.43
N LEU A 251 -16.01 1.41 -46.63
CA LEU A 251 -15.24 2.52 -47.18
C LEU A 251 -15.17 2.46 -48.70
N SER A 252 -16.17 1.85 -49.31
CA SER A 252 -16.26 1.77 -50.77
C SER A 252 -17.72 1.72 -51.22
N ARG A 253 -18.04 2.04 -52.37
N MET B 1 18.78 -5.66 39.72
CA MET B 1 17.46 -5.53 39.12
C MET B 1 17.52 -4.69 37.85
N ILE B 2 17.10 -5.29 36.75
CA ILE B 2 16.99 -4.60 35.47
C ILE B 2 15.53 -4.59 35.06
N VAL B 3 15.03 -3.44 34.65
CA VAL B 3 13.65 -3.33 34.23
C VAL B 3 13.61 -3.27 32.70
N PHE B 4 13.02 -4.29 32.09
CA PHE B 4 12.78 -4.30 30.65
C PHE B 4 11.34 -3.89 30.43
N THR B 5 11.12 -2.97 29.50
CA THR B 5 9.80 -2.41 29.32
C THR B 5 9.49 -2.04 27.89
N ASP B 6 8.29 -2.41 27.47
CA ASP B 6 7.70 -1.97 26.22
C ASP B 6 7.54 -0.45 26.25
N LEU B 7 7.39 0.16 25.07
CA LEU B 7 7.16 1.60 24.99
C LEU B 7 5.68 1.97 24.81
N ASP B 8 5.16 1.77 23.61
CA ASP B 8 3.79 2.19 23.29
C ASP B 8 2.78 1.44 24.15
N GLY B 9 1.91 2.18 24.83
CA GLY B 9 0.87 1.55 25.63
C GLY B 9 1.39 0.94 26.92
N THR B 10 2.69 1.05 27.16
CA THR B 10 3.26 0.64 28.44
C THR B 10 3.86 1.86 29.13
N LEU B 11 4.96 2.35 28.57
CA LEU B 11 5.70 3.44 29.17
C LEU B 11 5.25 4.79 28.60
N LEU B 12 4.79 4.76 27.36
CA LEU B 12 4.40 5.97 26.64
C LEU B 12 2.89 6.12 26.64
N ASP B 13 2.40 7.36 26.57
CA ASP B 13 0.97 7.61 26.59
C ASP B 13 0.33 7.45 25.22
N GLU B 14 -0.93 7.90 25.11
CA GLU B 14 -1.69 7.75 23.88
C GLU B 14 -1.10 8.54 22.71
N ARG B 15 -0.22 9.49 23.01
CA ARG B 15 0.47 10.26 21.98
C ARG B 15 1.99 10.19 22.13
N GLY B 16 2.48 9.05 22.63
CA GLY B 16 3.91 8.79 22.75
C GLY B 16 4.70 9.80 23.56
N GLU B 17 4.28 10.04 24.80
CA GLU B 17 4.85 11.12 25.61
C GLU B 17 5.53 10.62 26.88
N LEU B 18 4.73 10.15 27.84
CA LEU B 18 5.22 9.60 29.11
C LEU B 18 4.16 9.50 30.19
N GLY B 19 3.35 10.55 30.33
CA GLY B 19 2.33 10.56 31.38
C GLY B 19 2.98 10.55 32.74
N PRO B 20 2.39 9.80 33.69
CA PRO B 20 2.93 9.73 35.06
C PRO B 20 4.28 9.01 35.09
N ALA B 21 4.69 8.45 33.94
CA ALA B 21 5.91 7.67 33.86
C ALA B 21 7.16 8.47 34.26
N ARG B 22 7.18 9.77 33.99
CA ARG B 22 8.32 10.58 34.40
C ARG B 22 8.61 10.32 35.86
N GLU B 23 7.57 10.49 36.68
CA GLU B 23 7.64 10.22 38.11
C GLU B 23 8.39 8.91 38.36
N ALA B 24 7.80 7.81 37.92
CA ALA B 24 8.33 6.49 38.19
C ALA B 24 9.70 6.27 37.57
N LEU B 25 9.85 6.72 36.33
CA LEU B 25 11.09 6.57 35.59
C LEU B 25 12.25 7.27 36.29
N GLU B 26 12.07 8.54 36.61
CA GLU B 26 13.11 9.32 37.28
C GLU B 26 13.47 8.68 38.63
N ARG B 27 12.50 7.99 39.22
CA ARG B 27 12.70 7.32 40.50
C ARG B 27 13.61 6.11 40.36
N LEU B 28 13.35 5.27 39.36
CA LEU B 28 14.19 4.11 39.11
C LEU B 28 15.61 4.52 38.81
N ARG B 29 15.76 5.56 38.00
CA ARG B 29 17.06 6.08 37.62
C ARG B 29 17.83 6.58 38.84
N ALA B 30 17.14 7.32 39.69
CA ALA B 30 17.76 7.86 40.90
C ALA B 30 18.27 6.75 41.80
N LEU B 31 17.64 5.59 41.72
CA LEU B 31 18.00 4.44 42.55
C LEU B 31 19.00 3.55 41.85
N GLY B 32 19.44 3.98 40.66
CA GLY B 32 20.44 3.24 39.90
C GLY B 32 19.91 1.96 39.27
N VAL B 33 18.62 1.90 39.01
CA VAL B 33 18.02 0.72 38.39
C VAL B 33 17.93 0.88 36.88
N PRO B 34 18.69 0.06 36.14
CA PRO B 34 18.71 0.13 34.68
C PRO B 34 17.34 -0.11 34.08
N VAL B 35 16.93 0.76 33.16
CA VAL B 35 15.69 0.59 32.45
C VAL B 35 16.00 0.37 30.98
N VAL B 36 15.51 -0.73 30.42
CA VAL B 36 15.84 -1.09 29.04
C VAL B 36 14.60 -1.15 28.16
N PRO B 37 14.48 -0.23 27.20
CA PRO B 37 13.38 -0.31 26.23
C PRO B 37 13.45 -1.58 25.37
N VAL B 38 12.31 -2.26 25.24
CA VAL B 38 12.19 -3.43 24.38
C VAL B 38 10.94 -3.24 23.55
N THR B 39 11.10 -2.90 22.29
CA THR B 39 10.01 -2.29 21.52
C THR B 39 9.88 -2.88 20.12
N ALA B 40 8.74 -2.66 19.50
CA ALA B 40 8.56 -2.99 18.07
C ALA B 40 9.09 -1.84 17.21
N LYS B 41 9.38 -0.70 17.84
CA LYS B 41 9.87 0.48 17.13
C LYS B 41 11.29 0.30 16.58
N THR B 42 11.65 1.13 15.62
CA THR B 42 12.96 1.07 15.01
C THR B 42 13.94 1.91 15.81
N ARG B 43 15.23 1.71 15.56
CA ARG B 43 16.27 2.51 16.19
C ARG B 43 16.04 4.01 15.98
N LYS B 44 15.71 4.42 14.75
CA LYS B 44 15.48 5.85 14.52
C LYS B 44 14.36 6.36 15.41
N GLU B 45 13.32 5.55 15.60
CA GLU B 45 12.20 5.97 16.45
C GLU B 45 12.67 6.10 17.89
N VAL B 46 13.49 5.16 18.32
CA VAL B 46 13.96 5.16 19.69
C VAL B 46 14.89 6.34 19.92
N GLU B 47 15.70 6.63 18.92
CA GLU B 47 16.59 7.79 19.03
C GLU B 47 15.81 9.10 19.08
N ALA B 48 14.74 9.22 18.29
CA ALA B 48 13.96 10.45 18.30
C ALA B 48 13.28 10.66 19.64
N LEU B 49 13.16 9.60 20.43
CA LEU B 49 12.58 9.70 21.77
C LEU B 49 13.61 10.13 22.80
N GLY B 50 14.87 10.20 22.39
CA GLY B 50 15.94 10.62 23.27
C GLY B 50 16.52 9.48 24.10
N LEU B 51 16.07 8.26 23.84
CA LEU B 51 16.49 7.10 24.62
C LEU B 51 17.89 6.59 24.27
N GLU B 52 18.62 6.19 25.30
CA GLU B 52 20.02 5.78 25.17
C GLU B 52 20.15 4.28 25.27
N PRO B 53 21.15 3.71 24.58
CA PRO B 53 21.40 2.26 24.68
C PRO B 53 21.88 1.95 26.08
N PRO B 54 21.73 0.70 26.52
CA PRO B 54 21.22 -0.43 25.74
C PRO B 54 19.71 -0.40 25.51
N PHE B 55 19.30 -0.73 24.30
CA PHE B 55 17.88 -0.94 24.04
C PHE B 55 17.67 -2.00 22.98
N ILE B 56 16.46 -2.53 22.90
CA ILE B 56 16.14 -3.61 21.98
C ILE B 56 15.07 -3.14 21.02
N VAL B 57 15.35 -3.24 19.73
CA VAL B 57 14.46 -2.71 18.69
C VAL B 57 13.74 -3.80 17.89
N GLU B 58 12.69 -3.40 17.19
CA GLU B 58 12.00 -4.23 16.22
C GLU B 58 11.68 -5.64 16.73
N ASN B 59 11.01 -5.71 17.88
CA ASN B 59 10.53 -6.98 18.43
C ASN B 59 11.62 -7.99 18.75
N GLY B 60 12.84 -7.53 18.98
CA GLY B 60 13.92 -8.42 19.35
C GLY B 60 14.93 -8.65 18.23
N GLY B 61 14.71 -8.02 17.08
CA GLY B 61 15.60 -8.21 15.93
C GLY B 61 16.98 -7.61 16.07
N GLY B 62 17.04 -6.48 16.76
CA GLY B 62 18.31 -5.81 17.00
C GLY B 62 18.49 -5.47 18.47
N LEU B 63 19.67 -5.79 19.01
CA LEU B 63 20.03 -5.39 20.36
C LEU B 63 21.15 -4.39 20.26
N TYR B 64 20.88 -3.16 20.69
CA TYR B 64 21.84 -2.07 20.62
C TYR B 64 22.54 -1.79 21.95
N LEU B 65 23.87 -1.77 21.93
CA LEU B 65 24.68 -1.52 23.12
C LEU B 65 25.48 -0.24 22.96
N PRO B 66 25.81 0.41 24.08
CA PRO B 66 26.73 1.56 24.01
C PRO B 66 28.07 1.15 23.39
N ARG B 67 28.70 2.08 22.70
CA ARG B 67 29.98 1.85 22.05
C ARG B 67 31.02 1.25 22.99
N ASP B 68 31.07 1.76 24.22
CA ASP B 68 32.08 1.33 25.19
C ASP B 68 31.58 0.26 26.18
N TRP B 69 30.54 -0.45 25.80
CA TRP B 69 30.07 -1.58 26.60
C TRP B 69 31.25 -2.43 27.03
N PRO B 70 31.37 -2.66 28.35
CA PRO B 70 32.49 -3.37 28.96
C PRO B 70 32.57 -4.83 28.51
N VAL B 71 31.49 -5.36 27.95
CA VAL B 71 31.50 -6.72 27.42
C VAL B 71 31.48 -6.73 25.90
N ARG B 72 32.58 -7.13 25.29
CA ARG B 72 32.74 -7.06 23.84
C ARG B 72 31.78 -7.99 23.11
N ALA B 73 30.91 -7.41 22.29
CA ALA B 73 29.92 -8.16 21.55
C ALA B 73 29.40 -7.33 20.38
N GLY B 74 28.87 -8.00 19.35
CA GLY B 74 28.28 -7.32 18.23
C GLY B 74 29.26 -6.57 17.34
N ARG B 75 28.74 -5.72 16.46
CA ARG B 75 29.55 -4.94 15.53
C ARG B 75 29.36 -3.44 15.75
N PRO B 76 30.41 -2.65 15.46
CA PRO B 76 30.36 -1.19 15.64
C PRO B 76 29.39 -0.48 14.71
N LYS B 77 28.60 0.44 15.25
CA LYS B 77 27.74 1.32 14.46
C LYS B 77 28.09 2.79 14.72
N GLY B 78 29.39 3.06 14.87
CA GLY B 78 29.86 4.40 15.12
C GLY B 78 29.61 4.82 16.55
N GLY B 79 28.35 4.85 16.95
CA GLY B 79 27.99 5.25 18.29
C GLY B 79 27.65 4.03 19.12
N TYR B 80 27.27 2.96 18.42
CA TYR B 80 26.78 1.76 19.06
C TYR B 80 27.63 0.56 18.76
N ARG B 81 27.28 -0.53 19.44
CA ARG B 81 27.64 -1.86 18.99
CA ARG B 81 27.64 -1.85 18.97
C ARG B 81 26.33 -2.63 18.84
N VAL B 82 26.10 -3.19 17.66
CA VAL B 82 24.84 -3.85 17.38
C VAL B 82 24.96 -5.38 17.38
N VAL B 83 24.07 -6.03 18.11
CA VAL B 83 23.94 -7.47 18.05
C VAL B 83 22.70 -7.82 17.24
N SER B 84 22.91 -8.23 15.98
CA SER B 84 21.82 -8.60 15.10
C SER B 84 21.32 -10.02 15.40
N LEU B 85 20.07 -10.13 15.84
CA LEU B 85 19.51 -11.41 16.19
C LEU B 85 18.62 -11.99 15.11
N ALA B 86 18.10 -11.13 14.24
CA ALA B 86 17.12 -11.59 13.25
C ALA B 86 17.63 -11.42 11.81
N TRP B 87 16.93 -12.02 10.84
CA TRP B 87 17.18 -11.74 9.42
C TRP B 87 17.05 -10.24 9.13
N PRO B 88 17.83 -9.75 8.17
CA PRO B 88 17.66 -8.35 7.77
C PRO B 88 16.33 -8.14 7.05
N TYR B 89 15.80 -6.92 7.15
CA TYR B 89 14.54 -6.52 6.51
C TYR B 89 14.41 -6.93 5.05
N ARG B 90 15.50 -6.77 4.29
CA ARG B 90 15.41 -7.01 2.86
C ARG B 90 15.11 -8.47 2.59
N LYS B 91 15.62 -9.34 3.43
CA LYS B 91 15.34 -10.77 3.29
C LYS B 91 13.92 -11.13 3.72
N VAL B 92 13.40 -10.43 4.74
CA VAL B 92 12.01 -10.64 5.13
C VAL B 92 11.07 -10.17 4.00
N ARG B 93 11.37 -9.02 3.43
CA ARG B 93 10.57 -8.48 2.33
C ARG B 93 10.56 -9.41 1.11
N ALA B 94 11.72 -9.94 0.74
CA ALA B 94 11.80 -10.90 -0.37
C ALA B 94 10.95 -12.12 -0.07
N ARG B 95 11.08 -12.66 1.13
CA ARG B 95 10.34 -13.86 1.48
C ARG B 95 8.82 -13.56 1.56
N LEU B 96 8.47 -12.35 1.95
CA LEU B 96 7.07 -11.90 1.89
C LEU B 96 6.45 -11.94 0.48
N ARG B 97 7.24 -11.70 -0.55
CA ARG B 97 6.73 -11.80 -1.92
C ARG B 97 6.31 -13.23 -2.22
N GLU B 98 7.07 -14.18 -1.70
CA GLU B 98 6.67 -15.57 -1.86
C GLU B 98 5.42 -15.93 -1.05
N ALA B 99 5.31 -15.42 0.17
CA ALA B 99 4.08 -15.62 0.94
C ALA B 99 2.91 -15.08 0.14
N GLU B 100 3.11 -13.91 -0.46
CA GLU B 100 2.03 -13.25 -1.21
C GLU B 100 1.62 -14.08 -2.42
N ALA B 101 2.62 -14.55 -3.17
CA ALA B 101 2.32 -15.41 -4.31
C ALA B 101 1.54 -16.64 -3.85
N LEU B 102 1.90 -17.17 -2.70
CA LEU B 102 1.19 -18.33 -2.17
C LEU B 102 -0.25 -17.99 -1.78
N ALA B 103 -0.42 -16.88 -1.05
CA ALA B 103 -1.74 -16.49 -0.56
C ALA B 103 -2.70 -16.11 -1.69
N GLY B 104 -2.14 -15.66 -2.82
CA GLY B 104 -2.96 -15.30 -3.97
C GLY B 104 -3.73 -14.00 -3.76
N ARG B 105 -3.28 -13.19 -2.82
CA ARG B 105 -3.87 -11.87 -2.61
C ARG B 105 -2.78 -10.96 -2.09
N PRO B 106 -2.96 -9.64 -2.25
CA PRO B 106 -1.90 -8.72 -1.83
C PRO B 106 -1.58 -8.84 -0.35
N ILE B 107 -0.30 -8.78 -0.03
CA ILE B 107 0.12 -8.67 1.36
C ILE B 107 0.94 -7.40 1.45
N LEU B 108 0.37 -6.37 2.05
CA LEU B 108 1.03 -5.08 2.13
C LEU B 108 1.67 -4.86 3.49
N GLY B 109 2.87 -4.30 3.48
CA GLY B 109 3.50 -3.80 4.69
C GLY B 109 4.01 -2.38 4.52
N TYR B 110 4.65 -1.87 5.56
CA TYR B 110 5.24 -0.55 5.56
C TYR B 110 6.15 -0.33 4.36
N GLY B 111 6.90 -1.36 3.98
CA GLY B 111 7.80 -1.24 2.86
C GLY B 111 7.09 -0.93 1.55
N ASP B 112 5.80 -1.23 1.47
CA ASP B 112 5.02 -0.98 0.25
C ASP B 112 4.38 0.41 0.24
N LEU B 113 4.37 1.07 1.38
CA LEU B 113 3.62 2.33 1.55
C LEU B 113 4.52 3.54 1.62
N THR B 114 4.01 4.68 1.15
CA THR B 114 4.73 5.93 1.30
C THR B 114 4.69 6.37 2.77
N ALA B 115 5.59 7.27 3.15
CA ALA B 115 5.57 7.80 4.50
C ALA B 115 4.24 8.50 4.75
N GLU B 116 3.73 9.16 3.71
CA GLU B 116 2.43 9.81 3.79
C GLU B 116 1.31 8.85 4.14
N ALA B 117 1.30 7.68 3.50
CA ALA B 117 0.29 6.69 3.77
C ALA B 117 0.42 6.14 5.19
N VAL B 118 1.64 5.88 5.62
CA VAL B 118 1.88 5.35 6.96
C VAL B 118 1.47 6.36 8.01
N ALA B 119 1.80 7.64 7.78
CA ALA B 119 1.39 8.72 8.68
C ALA B 119 -0.13 8.79 8.78
N ARG B 120 -0.80 8.73 7.64
CA ARG B 120 -2.25 8.81 7.67
C ARG B 120 -2.82 7.62 8.40
N LEU B 121 -2.20 6.46 8.22
CA LEU B 121 -2.69 5.23 8.79
C LEU B 121 -2.54 5.20 10.31
N THR B 122 -1.46 5.77 10.82
CA THR B 122 -1.09 5.64 12.22
C THR B 122 -1.40 6.89 13.06
N GLY B 123 -1.62 8.02 12.38
CA GLY B 123 -1.88 9.27 13.06
C GLY B 123 -0.60 10.03 13.34
N LEU B 124 0.51 9.54 12.80
CA LEU B 124 1.81 10.16 13.03
C LEU B 124 2.09 11.32 12.09
N SER B 125 3.09 12.13 12.43
CA SER B 125 3.59 13.12 11.50
C SER B 125 4.30 12.42 10.36
N ARG B 126 4.51 13.14 9.27
CA ARG B 126 5.25 12.61 8.12
C ARG B 126 6.64 12.15 8.56
N GLU B 127 7.27 12.95 9.41
CA GLU B 127 8.60 12.65 9.91
C GLU B 127 8.66 11.40 10.77
N ALA B 128 7.71 11.26 11.68
CA ALA B 128 7.65 10.06 12.51
C ALA B 128 7.39 8.82 11.64
N ALA B 129 6.62 8.99 10.57
CA ALA B 129 6.30 7.88 9.68
C ALA B 129 7.57 7.39 8.98
N ARG B 130 8.42 8.34 8.58
CA ARG B 130 9.69 7.98 7.96
C ARG B 130 10.58 7.18 8.90
N ARG B 131 10.56 7.53 10.17
CA ARG B 131 11.34 6.80 11.17
C ARG B 131 10.78 5.38 11.41
N ALA B 132 9.46 5.25 11.46
CA ALA B 132 8.83 3.93 11.57
C ALA B 132 9.07 3.05 10.33
N LYS B 133 9.28 3.68 9.16
CA LYS B 133 9.58 2.95 7.92
C LYS B 133 11.04 2.55 7.79
N ALA B 134 11.91 3.09 8.64
CA ALA B 134 13.33 2.80 8.53
C ALA B 134 13.64 1.50 9.26
N ARG B 135 13.14 0.38 8.74
CA ARG B 135 13.22 -0.90 9.44
C ARG B 135 14.42 -1.73 8.98
N GLU B 136 15.05 -2.43 9.93
CA GLU B 136 16.28 -3.15 9.67
C GLU B 136 16.07 -4.64 9.74
N TYR B 137 15.00 -5.05 10.42
CA TYR B 137 14.74 -6.48 10.65
C TYR B 137 13.31 -6.91 10.37
N ASP B 138 12.36 -6.18 10.97
CA ASP B 138 10.99 -6.64 11.12
C ASP B 138 10.07 -5.83 10.17
N GLU B 139 9.07 -6.48 9.56
CA GLU B 139 8.13 -5.73 8.74
C GLU B 139 6.82 -5.57 9.45
N THR B 140 6.29 -4.35 9.44
CA THR B 140 4.94 -4.11 9.91
C THR B 140 3.93 -4.33 8.79
N LEU B 141 2.98 -5.23 9.03
CA LEU B 141 2.02 -5.60 8.02
C LEU B 141 0.70 -4.85 8.16
N VAL B 142 0.03 -4.61 7.03
CA VAL B 142 -1.27 -3.96 7.10
C VAL B 142 -2.27 -4.90 6.47
N LEU B 143 -2.87 -5.76 7.29
CA LEU B 143 -3.66 -6.89 6.78
C LEU B 143 -5.15 -6.64 6.84
N CYS B 144 -5.87 -7.20 5.88
CA CYS B 144 -7.32 -7.26 5.95
C CYS B 144 -7.69 -8.23 7.08
N PRO B 145 -8.57 -7.80 7.99
CA PRO B 145 -9.06 -8.62 9.10
C PRO B 145 -9.49 -10.03 8.69
N GLU B 146 -10.25 -10.17 7.61
CA GLU B 146 -10.73 -11.48 7.20
C GLU B 146 -9.69 -12.31 6.46
N GLU B 147 -8.56 -11.69 6.11
CA GLU B 147 -7.52 -12.41 5.37
C GLU B 147 -6.38 -12.85 6.30
N VAL B 148 -6.47 -12.43 7.55
CA VAL B 148 -5.39 -12.64 8.51
C VAL B 148 -5.02 -14.12 8.59
N GLU B 149 -6.03 -14.96 8.81
CA GLU B 149 -5.79 -16.39 8.95
C GLU B 149 -5.03 -16.97 7.75
N ALA B 150 -5.53 -16.76 6.54
CA ALA B 150 -4.83 -17.22 5.35
C ALA B 150 -3.43 -16.61 5.23
N VAL B 151 -3.28 -15.33 5.58
CA VAL B 151 -1.96 -14.68 5.50
C VAL B 151 -0.95 -15.28 6.47
N LEU B 152 -1.36 -15.52 7.71
CA LEU B 152 -0.43 -16.06 8.71
C LEU B 152 0.05 -17.46 8.31
N GLU B 153 -0.85 -18.27 7.74
CA GLU B 153 -0.49 -19.58 7.22
C GLU B 153 0.56 -19.48 6.11
N ALA B 154 0.36 -18.55 5.17
CA ALA B 154 1.32 -18.36 4.09
C ALA B 154 2.69 -17.94 4.65
N LEU B 155 2.70 -17.10 5.68
CA LEU B 155 3.97 -16.69 6.30
C LEU B 155 4.69 -17.92 6.84
N GLU B 156 3.95 -18.73 7.60
CA GLU B 156 4.48 -19.96 8.16
C GLU B 156 4.98 -20.90 7.07
N ALA B 157 4.20 -21.02 6.01
CA ALA B 157 4.54 -21.91 4.91
C ALA B 157 5.88 -21.54 4.29
N VAL B 158 6.21 -20.25 4.27
CA VAL B 158 7.45 -19.83 3.62
C VAL B 158 8.62 -19.60 4.57
N GLY B 159 8.41 -19.90 5.85
CA GLY B 159 9.51 -19.88 6.81
C GLY B 159 9.64 -18.58 7.59
N LEU B 160 8.65 -17.71 7.48
CA LEU B 160 8.60 -16.51 8.31
C LEU B 160 7.88 -16.78 9.62
N GLU B 161 8.10 -15.91 10.59
CA GLU B 161 7.41 -15.93 11.86
C GLU B 161 6.58 -14.66 11.96
N TRP B 162 5.51 -14.71 12.74
CA TRP B 162 4.66 -13.54 12.88
C TRP B 162 4.36 -13.24 14.34
N THR B 163 4.01 -12.00 14.62
CA THR B 163 3.46 -11.65 15.94
C THR B 163 2.54 -10.44 15.79
N HIS B 164 1.88 -10.06 16.88
CA HIS B 164 0.96 -8.94 16.83
C HIS B 164 1.47 -7.87 17.78
N GLY B 165 1.49 -6.62 17.33
CA GLY B 165 2.05 -5.54 18.11
C GLY B 165 1.06 -4.72 18.91
N GLY B 166 -0.23 -5.01 18.75
CA GLY B 166 -1.26 -4.24 19.43
C GLY B 166 -2.32 -3.73 18.45
N ARG B 167 -1.88 -3.32 17.27
CA ARG B 167 -2.80 -3.00 16.18
C ARG B 167 -2.41 -3.71 14.87
N PHE B 168 -1.11 -3.81 14.62
CA PHE B 168 -0.60 -4.41 13.38
C PHE B 168 0.05 -5.75 13.60
N TYR B 169 -0.10 -6.65 12.63
CA TYR B 169 0.72 -7.85 12.61
C TYR B 169 2.14 -7.50 12.14
N HIS B 170 3.10 -8.33 12.51
CA HIS B 170 4.49 -8.14 12.10
C HIS B 170 5.02 -9.43 11.51
N ALA B 171 5.97 -9.30 10.58
CA ALA B 171 6.64 -10.47 10.05
C ALA B 171 8.15 -10.33 10.18
N ALA B 172 8.80 -11.44 10.50
CA ALA B 172 10.24 -11.44 10.72
C ALA B 172 10.74 -12.88 10.83
N LYS B 173 12.04 -13.03 11.03
CA LYS B 173 12.63 -14.35 11.31
C LYS B 173 13.77 -14.22 12.32
N GLY B 174 13.57 -14.81 13.49
CA GLY B 174 14.56 -14.74 14.56
C GLY B 174 14.35 -13.58 15.52
N ALA B 175 13.35 -12.72 15.26
CA ALA B 175 13.05 -11.62 16.17
C ALA B 175 12.09 -12.05 17.26
N ASP B 176 12.55 -12.00 18.51
CA ASP B 176 11.75 -12.41 19.63
C ASP B 176 12.21 -11.60 20.83
N LYS B 177 11.30 -10.92 21.49
CA LYS B 177 11.66 -10.05 22.61
C LYS B 177 12.40 -10.81 23.72
N GLY B 178 11.99 -12.04 23.99
CA GLY B 178 12.61 -12.81 25.06
C GLY B 178 14.01 -13.28 24.72
N ARG B 179 14.24 -13.61 23.45
CA ARG B 179 15.57 -14.02 23.02
C ARG B 179 16.52 -12.84 23.14
N ALA B 180 16.05 -11.66 22.75
CA ALA B 180 16.85 -10.46 22.89
C ALA B 180 17.11 -10.09 24.38
N VAL B 181 16.11 -10.26 25.22
CA VAL B 181 16.30 -9.97 26.64
C VAL B 181 17.31 -10.93 27.26
N ALA B 182 17.18 -12.22 26.93
CA ALA B 182 18.15 -13.23 27.41
C ALA B 182 19.56 -12.89 26.96
N ARG B 183 19.72 -12.45 25.72
CA ARG B 183 21.04 -12.15 25.20
C ARG B 183 21.66 -10.96 25.94
N LEU B 184 20.85 -9.94 26.19
CA LEU B 184 21.31 -8.75 26.89
C LEU B 184 21.70 -9.07 28.33
N ARG B 185 20.88 -9.85 29.02
CA ARG B 185 21.20 -10.25 30.38
C ARG B 185 22.52 -11.00 30.43
N ALA B 186 22.75 -11.85 29.42
CA ALA B 186 23.98 -12.63 29.34
C ALA B 186 25.18 -11.74 29.02
N LEU B 187 24.91 -10.56 28.44
CA LEU B 187 25.96 -9.60 28.13
C LEU B 187 26.09 -8.48 29.16
N TRP B 188 25.44 -8.65 30.31
CA TRP B 188 25.42 -7.58 31.30
C TRP B 188 26.73 -7.56 32.11
N PRO B 189 27.31 -6.36 32.29
CA PRO B 189 28.58 -6.17 33.02
C PRO B 189 28.50 -6.65 34.48
N ASP B 190 27.34 -6.51 35.10
CA ASP B 190 27.14 -6.93 36.49
C ASP B 190 26.17 -8.11 36.57
N PRO B 191 26.71 -9.33 36.66
CA PRO B 191 25.90 -10.56 36.61
C PRO B 191 24.88 -10.64 37.72
N GLU B 192 25.27 -10.19 38.91
CA GLU B 192 24.34 -10.17 40.05
C GLU B 192 23.17 -9.25 39.75
N GLU B 193 23.45 -8.12 39.12
CA GLU B 193 22.39 -7.17 38.81
C GLU B 193 21.42 -7.78 37.81
N ALA B 194 21.95 -8.55 36.87
CA ALA B 194 21.13 -9.09 35.78
C ALA B 194 20.37 -10.33 36.23
N ARG B 195 20.70 -10.82 37.42
CA ARG B 195 20.13 -12.07 37.92
C ARG B 195 18.66 -11.88 38.24
N PHE B 196 18.24 -10.64 38.42
CA PHE B 196 16.82 -10.38 38.62
C PHE B 196 16.27 -9.39 37.60
N ALA B 197 15.37 -9.86 36.74
CA ALA B 197 14.82 -9.05 35.67
C ALA B 197 13.32 -8.86 35.78
N VAL B 198 12.88 -7.63 35.53
CA VAL B 198 11.46 -7.29 35.47
C VAL B 198 11.07 -7.00 34.02
N GLY B 199 9.85 -7.40 33.67
CA GLY B 199 9.31 -7.16 32.34
C GLY B 199 7.93 -6.50 32.40
N LEU B 200 7.77 -5.39 31.69
CA LEU B 200 6.47 -4.74 31.58
C LEU B 200 6.08 -4.60 30.12
N GLY B 201 4.84 -4.95 29.79
CA GLY B 201 4.35 -4.86 28.43
C GLY B 201 2.82 -4.92 28.35
N ASP B 202 2.30 -4.92 27.12
CA ASP B 202 0.87 -4.73 26.91
C ASP B 202 0.27 -5.49 25.72
N SER B 203 1.10 -6.18 24.94
CA SER B 203 0.61 -6.83 23.73
C SER B 203 1.13 -8.26 23.48
N LEU B 204 0.63 -8.89 22.43
CA LEU B 204 1.03 -10.26 22.09
C LEU B 204 2.54 -10.39 21.91
N ASN B 205 3.15 -9.38 21.30
CA ASN B 205 4.61 -9.41 21.10
C ASN B 205 5.40 -9.30 22.40
N ASP B 206 4.69 -9.19 23.53
CA ASP B 206 5.31 -9.07 24.84
C ASP B 206 5.26 -10.36 25.67
N LEU B 207 4.51 -11.35 25.20
CA LEU B 207 4.51 -12.66 25.86
C LEU B 207 5.91 -13.26 25.93
N PRO B 208 6.65 -13.21 24.82
CA PRO B 208 8.05 -13.65 24.90
C PRO B 208 8.85 -12.87 25.95
N LEU B 209 8.46 -11.62 26.21
CA LEU B 209 9.16 -10.80 27.19
C LEU B 209 8.85 -11.27 28.60
N PHE B 210 7.56 -11.48 28.87
CA PHE B 210 7.11 -11.97 30.16
C PHE B 210 7.77 -13.30 30.56
N ARG B 211 7.95 -14.17 29.57
CA ARG B 211 8.54 -15.49 29.83
C ARG B 211 10.04 -15.42 30.07
N ALA B 212 10.67 -14.34 29.61
CA ALA B 212 12.11 -14.21 29.74
C ALA B 212 12.52 -13.46 31.02
N VAL B 213 11.54 -12.96 31.77
CA VAL B 213 11.85 -12.23 32.99
C VAL B 213 11.47 -13.00 34.25
N ASP B 214 11.85 -12.48 35.40
CA ASP B 214 11.58 -13.15 36.67
C ASP B 214 10.32 -12.60 37.31
N LEU B 215 10.06 -11.32 37.07
CA LEU B 215 8.82 -10.69 37.50
C LEU B 215 8.18 -9.99 36.31
N ALA B 216 7.03 -10.49 35.88
CA ALA B 216 6.33 -9.95 34.72
C ALA B 216 5.08 -9.16 35.11
N VAL B 217 4.83 -8.05 34.41
CA VAL B 217 3.71 -7.15 34.72
C VAL B 217 3.00 -6.72 33.45
N TYR B 218 1.68 -6.92 33.42
CA TYR B 218 0.85 -6.56 32.27
C TYR B 218 0.07 -5.29 32.54
N VAL B 219 0.35 -4.24 31.77
CA VAL B 219 -0.37 -2.98 31.93
C VAL B 219 -1.25 -2.71 30.71
N GLY B 220 -1.56 -3.77 29.96
CA GLY B 220 -2.43 -3.66 28.80
C GLY B 220 -3.90 -3.48 29.16
N ARG B 221 -4.74 -3.43 28.14
CA ARG B 221 -6.13 -3.02 28.32
C ARG B 221 -7.07 -4.16 28.78
N GLY B 222 -6.70 -5.39 28.47
CA GLY B 222 -7.57 -6.52 28.76
C GLY B 222 -7.24 -7.31 30.02
N ASP B 223 -7.45 -8.63 29.95
CA ASP B 223 -7.12 -9.54 31.04
C ASP B 223 -5.68 -10.01 30.93
N PRO B 224 -5.00 -10.15 32.07
CA PRO B 224 -3.60 -10.62 32.10
C PRO B 224 -3.46 -12.00 31.49
N PRO B 225 -2.38 -12.21 30.71
CA PRO B 225 -2.07 -13.54 30.17
C PRO B 225 -1.62 -14.50 31.27
N GLU B 226 -1.49 -15.78 30.90
CA GLU B 226 -1.13 -16.86 31.81
C GLU B 226 -0.20 -16.47 32.96
N GLY B 227 -0.77 -16.24 34.14
CA GLY B 227 0.02 -16.11 35.36
C GLY B 227 0.78 -14.82 35.57
N VAL B 228 0.64 -13.87 34.66
CA VAL B 228 1.32 -12.58 34.78
C VAL B 228 0.53 -11.64 35.70
N LEU B 229 1.23 -10.69 36.32
CA LEU B 229 0.60 -9.75 37.25
C LEU B 229 -0.06 -8.57 36.54
N ALA B 230 -0.92 -7.86 37.28
CA ALA B 230 -1.71 -6.78 36.71
C ALA B 230 -1.63 -5.48 37.52
N THR B 231 -2.18 -4.41 36.94
CA THR B 231 -2.22 -3.11 37.59
C THR B 231 -3.63 -2.54 37.47
N PRO B 232 -4.00 -1.63 38.39
CA PRO B 232 -5.35 -1.02 38.39
C PRO B 232 -5.68 -0.28 37.09
N ALA B 233 -4.77 0.56 36.61
CA ALA B 233 -4.99 1.30 35.39
C ALA B 233 -3.95 0.91 34.33
N PRO B 234 -4.33 1.00 33.04
CA PRO B 234 -3.42 0.60 31.97
C PRO B 234 -2.35 1.64 31.68
N GLY B 235 -1.42 1.29 30.78
CA GLY B 235 -0.42 2.23 30.32
C GLY B 235 0.48 2.77 31.42
N PRO B 236 0.97 4.00 31.23
CA PRO B 236 1.93 4.70 32.11
C PRO B 236 1.47 4.79 33.56
N GLU B 237 0.17 4.80 33.84
CA GLU B 237 -0.28 4.81 35.23
C GLU B 237 -0.22 3.40 35.83
N GLY B 238 -0.30 2.39 34.98
CA GLY B 238 -0.06 1.03 35.41
C GLY B 238 1.42 0.85 35.65
N PHE B 239 2.23 1.54 34.87
CA PHE B 239 3.69 1.48 35.02
C PHE B 239 4.09 2.10 36.35
N ARG B 240 3.60 3.30 36.63
CA ARG B 240 3.90 3.99 37.87
C ARG B 240 3.52 3.13 39.07
N TYR B 241 2.33 2.55 39.00
CA TYR B 241 1.84 1.66 40.05
C TYR B 241 2.80 0.51 40.27
N ALA B 242 3.22 -0.12 39.18
CA ALA B 242 4.12 -1.26 39.27
C ALA B 242 5.41 -0.88 39.99
N VAL B 243 5.98 0.26 39.62
CA VAL B 243 7.24 0.70 40.24
C VAL B 243 7.06 0.96 41.72
N GLU B 244 6.03 1.72 42.09
CA GLU B 244 5.81 2.04 43.49
C GLU B 244 5.48 0.81 44.31
N ARG B 245 4.58 -0.03 43.80
CA ARG B 245 4.07 -1.15 44.58
C ARG B 245 4.87 -2.46 44.48
N TYR B 246 5.40 -2.75 43.30
CA TYR B 246 6.08 -4.03 43.06
C TYR B 246 7.61 -3.96 43.10
N LEU B 247 8.18 -2.85 42.66
CA LEU B 247 9.62 -2.77 42.44
C LEU B 247 10.41 -2.20 43.61
N LEU B 248 10.11 -0.97 43.99
CA LEU B 248 10.81 -0.32 45.08
C LEU B 248 10.96 -1.20 46.32
N PRO B 249 9.86 -1.85 46.75
CA PRO B 249 9.95 -2.74 47.92
C PRO B 249 10.96 -3.87 47.73
N ARG B 250 11.11 -4.36 46.50
CA ARG B 250 12.05 -5.43 46.21
C ARG B 250 13.49 -4.93 46.15
N LEU B 251 13.68 -3.63 46.37
CA LEU B 251 15.01 -3.05 46.39
C LEU B 251 15.48 -2.90 47.82
N SER B 252 15.93 -4.01 48.41
CA SER B 252 16.41 -4.02 49.80
C SER B 252 17.59 -4.96 49.98
N ARG B 253 18.23 -5.38 49.01
#